data_2N9H
#
_entry.id   2N9H
#
loop_
_entity.id
_entity.type
_entity.pdbx_description
1 polymer "DNA (5'-D(*GP*AP*TP*GP*AP*CP*TP*GP*CP*TP*AP*G)-3')"
2 polymer "DNA (5'-D(*CP*TP*AP*GP*CP*(GL6)P*GP*TP*CP*AP*TP*C)-3')"
#
loop_
_entity_poly.entity_id
_entity_poly.type
_entity_poly.pdbx_seq_one_letter_code
_entity_poly.pdbx_strand_id
1 'polydeoxyribonucleotide' (DG)(DA)(DT)(DG)(DA)(DC)(DT)(DG)(DC)(DT)(DA)(DG) A
2 'polydeoxyribonucleotide' (DC)(DT)(DA)(DG)(DC)(4JA)(DG)(DT)(DC)(DA)(DT)(DC) B
#
loop_
_chem_comp.id
_chem_comp.type
_chem_comp.name
_chem_comp.formula
4JA D-saccharide '(2S)-3-[(6-deoxy-beta-D-glucopyranosyl)oxy]-2-hydroxypropyl dihydrogen phosphate' 'C9 H19 O10 P'
DA DNA linking 2'-DEOXYADENOSINE-5'-MONOPHOSPHATE 'C10 H14 N5 O6 P'
DC DNA linking 2'-DEOXYCYTIDINE-5'-MONOPHOSPHATE 'C9 H14 N3 O7 P'
DG DNA linking 2'-DEOXYGUANOSINE-5'-MONOPHOSPHATE 'C10 H14 N5 O7 P'
DT DNA linking THYMIDINE-5'-MONOPHOSPHATE 'C10 H15 N2 O8 P'
#
# COMPACT_ATOMS: atom_id res chain seq x y z
P 4JA B 6 -2.91 -0.31 4.65
O2 4JA B 6 2.69 0.79 -0.58
O3 4JA B 6 2.88 -1.07 -2.88
O4 4JA B 6 0.23 -1.88 -3.81
O5 4JA B 6 -0.22 -1.43 -0.20
C1 4JA B 6 0.51 -0.18 -0.07
C2 4JA B 6 1.87 -0.39 -0.75
C3 4JA B 6 1.64 -0.69 -2.24
C4 4JA B 6 0.63 -1.83 -2.43
C5 4JA B 6 -0.64 -1.64 -1.58
C6 4JA B 6 -1.60 -2.82 -1.62
OP1 4JA B 6 -1.63 -0.97 5.02
OP2 4JA B 6 -3.19 1.07 5.07
O5' 4JA B 6 -3.08 -0.44 3.04
C5' 4JA B 6 -3.06 0.68 2.16
C3' 4JA B 6 -1.68 1.04 1.58
C2' 4JA B 6 -0.53 0.13 2.08
O1 4JA B 6 0.68 0.20 1.33
O3' 4JA B 6 -1.36 2.40 1.88
HO2 4JA B 6 2.70 1.00 0.36
HO3 4JA B 6 3.45 -1.55 -2.27
HO4 4JA B 6 1.01 -1.99 -4.37
H1 4JA B 6 -0.03 0.62 -0.58
H2 4JA B 6 2.38 -1.23 -0.28
H3 4JA B 6 1.26 0.20 -2.73
H4 4JA B 6 1.09 -2.77 -2.18
H5 4JA B 6 -1.17 -0.74 -1.87
H61 4JA B 6 -2.17 -2.82 -2.55
H62 4JA B 6 -2.30 -2.77 -0.79
H63 4JA B 6 -1.06 -3.76 -1.56
H5'' 4JA B 6 -3.51 1.54 2.66
H5' 4JA B 6 -3.71 0.42 1.33
H3' 4JA B 6 -1.76 0.94 0.50
H2'' 4JA B 6 -0.88 -0.91 2.09
H2' 4JA B 6 -0.30 0.40 3.09
P 4JA B 6 -3.59 1.44 4.24
O2 4JA B 6 3.31 1.40 -0.19
O3 4JA B 6 4.16 -0.35 -2.40
O4 4JA B 6 1.91 -1.00 -4.04
O5 4JA B 6 0.54 -1.01 -0.61
C1 4JA B 6 1.16 0.25 -0.17
C2 4JA B 6 2.65 0.18 -0.55
C3 4JA B 6 2.78 -0.02 -2.06
C4 4JA B 6 1.90 -1.15 -2.61
C5 4JA B 6 0.46 -1.09 -2.07
C6 4JA B 6 -0.41 -2.28 -2.40
OP1 4JA B 6 -3.59 2.34 5.40
OP2 4JA B 6 -4.83 1.17 3.48
O5' 4JA B 6 -2.43 1.89 3.21
C5' 4JA B 6 -2.51 1.67 1.81
C3' 4JA B 6 -1.12 1.73 1.18
C2' 4JA B 6 -0.34 0.49 1.68
O1 4JA B 6 1.01 0.42 1.25
O3' 4JA B 6 -0.42 2.92 1.52
HO2 4JA B 6 3.61 1.35 0.72
HO3 4JA B 6 4.13 -0.91 -3.17
HO4 4JA B 6 1.65 -1.86 -4.49
H1 4JA B 6 0.69 1.09 -0.69
H2 4JA B 6 3.12 -0.65 -0.01
H3 4JA B 6 2.52 0.92 -2.55
H4 4JA B 6 2.33 -2.11 -2.35
H5 4JA B 6 -0.04 -0.17 -2.39
H61 4JA B 6 -1.32 -2.28 -1.81
H62 4JA B 6 0.13 -3.21 -2.21
H63 4JA B 6 -0.69 -2.27 -3.46
H5'' 4JA B 6 -3.17 2.41 1.36
H5' 4JA B 6 -2.94 0.69 1.61
H3' 4JA B 6 -1.22 1.66 0.10
H2'' 4JA B 6 -0.87 -0.40 1.36
H2' 4JA B 6 -0.34 0.49 2.75
P 4JA B 6 -3.12 1.31 4.61
O2 4JA B 6 3.34 1.44 -0.66
O3 4JA B 6 3.69 -0.46 -2.86
O4 4JA B 6 1.06 -1.27 -3.90
O5 4JA B 6 0.47 -0.88 -0.33
C1 4JA B 6 1.16 0.40 -0.17
C2 4JA B 6 2.57 0.23 -0.79
C3 4JA B 6 2.42 -0.10 -2.28
C4 4JA B 6 1.43 -1.26 -2.51
C5 4JA B 6 0.13 -1.09 -1.74
C6 4JA B 6 -0.77 -2.32 -1.84
OP1 4JA B 6 -2.96 2.06 5.87
OP2 4JA B 6 -4.45 1.12 4.00
O5' 4JA B 6 -2.12 1.92 3.52
C5' 4JA B 6 -2.31 1.74 2.13
C3' 4JA B 6 -0.99 1.91 1.37
C2' 4JA B 6 -0.03 0.81 1.88
O1 4JA B 6 1.25 0.77 1.24
O3' 4JA B 6 -0.41 3.19 1.57
HO2 4JA B 6 3.60 1.57 0.25
HO3 4JA B 6 4.33 -0.64 -2.18
HO4 4JA B 6 1.78 -1.66 -4.45
H1 4JA B 6 0.62 1.19 -0.70
H2 4JA B 6 3.09 -0.56 -0.26
H3 4JA B 6 2.04 0.78 -2.79
H4 4JA B 6 1.91 -2.21 -2.26
H5 4JA B 6 -0.40 -0.21 -2.05
H61 4JA B 6 -0.18 -3.23 -1.75
H62 4JA B 6 -1.26 -2.32 -2.82
H63 4JA B 6 -1.53 -2.30 -1.06
H5'' 4JA B 6 -3.06 2.45 1.77
H5' 4JA B 6 -2.68 0.74 1.93
H3' 4JA B 6 -1.18 1.75 0.31
H2'' 4JA B 6 -0.52 -0.15 1.77
H2' 4JA B 6 0.14 0.95 2.93
P 4JA B 6 -3.05 0.98 5.14
O2 4JA B 6 2.99 0.77 -0.64
O3 4JA B 6 3.08 -1.20 -2.76
O4 4JA B 6 0.40 -1.91 -3.69
O5 4JA B 6 0.00 -1.31 -0.07
C1 4JA B 6 0.80 -0.08 -0.02
C2 4JA B 6 2.13 -0.39 -0.71
C3 4JA B 6 1.86 -0.73 -2.17
C4 4JA B 6 0.80 -1.84 -2.31
C5 4JA B 6 -0.44 -1.57 -1.44
C6 4JA B 6 -1.45 -2.70 -1.42
OP1 4JA B 6 -2.88 1.82 6.33
OP2 4JA B 6 -4.39 0.80 4.52
O5' 4JA B 6 -2.08 1.53 3.97
C5' 4JA B 6 -2.35 1.22 2.62
C3' 4JA B 6 -1.13 1.45 1.72
C2' 4JA B 6 -0.08 0.42 2.17
O1 4JA B 6 1.08 0.34 1.36
O3' 4JA B 6 -0.67 2.79 1.83
HO2 4JA B 6 2.96 1.09 0.27
HO3 4JA B 6 3.79 -0.62 -2.43
HO4 4JA B 6 1.21 -1.94 -4.24
H1 4JA B 6 0.28 0.73 -0.54
H2 4JA B 6 2.61 -1.22 -0.20
H3 4JA B 6 1.52 0.15 -2.69
H4 4JA B 6 1.23 -2.80 -2.03
H5 4JA B 6 -0.94 -0.65 -1.75
H61 4JA B 6 -2.19 -2.55 -0.63
H62 4JA B 6 -0.94 -3.65 -1.24
H63 4JA B 6 -1.97 -2.76 -2.37
H5'' 4JA B 6 -3.19 1.82 2.29
H5' 4JA B 6 -2.65 0.19 2.52
H3' 4JA B 6 -1.42 1.24 0.69
H2'' 4JA B 6 -0.54 -0.56 2.22
H2' 4JA B 6 0.26 0.67 3.17
P 4JA B 6 -3.59 0.84 4.59
O2 4JA B 6 2.94 1.09 -0.64
O3 4JA B 6 3.19 -0.88 -2.85
O4 4JA B 6 0.63 -1.74 -3.79
O5 4JA B 6 0.06 -1.23 -0.21
C1 4JA B 6 0.78 0.05 -0.07
C2 4JA B 6 2.17 -0.13 -0.75
C3 4JA B 6 1.94 -0.48 -2.23
C4 4JA B 6 0.96 -1.64 -2.40
C5 4JA B 6 -0.32 -1.44 -1.60
C6 4JA B 6 -1.29 -2.63 -1.67
OP1 4JA B 6 -3.52 1.52 5.90
OP2 4JA B 6 -4.91 0.66 3.94
O5' 4JA B 6 -2.63 1.60 3.57
C5' 4JA B 6 -2.70 1.39 2.17
C3' 4JA B 6 -1.33 1.60 1.49
C2' 4JA B 6 -0.36 0.51 2.01
O1 4JA B 6 0.90 0.42 1.34
O3' 4JA B 6 -0.81 2.90 1.78
HO2 4JA B 6 3.33 1.13 0.24
HO3 4JA B 6 3.58 -1.63 -2.39
HO4 4JA B 6 1.45 -1.69 -4.32
H1 4JA B 6 0.24 0.84 -0.58
H2 4JA B 6 2.72 -0.93 -0.27
H3 4JA B 6 1.56 0.38 -2.76
H4 4JA B 6 1.45 -2.56 -2.09
H5 4JA B 6 -0.85 -0.55 -1.91
H61 4JA B 6 -2.15 -2.47 -1.01
H62 4JA B 6 -0.80 -3.55 -1.37
H63 4JA B 6 -1.66 -2.76 -2.68
H5'' 4JA B 6 -3.45 2.06 1.74
H5' 4JA B 6 -3.02 0.37 1.97
H3' 4JA B 6 -1.46 1.48 0.43
H2'' 4JA B 6 -0.87 -0.45 1.94
H2' 4JA B 6 -0.17 0.68 3.06
P 4JA B 6 -3.14 1.50 4.42
O2 4JA B 6 3.44 1.52 -0.76
O3 4JA B 6 3.78 -0.30 -2.96
O4 4JA B 6 1.14 -1.26 -4.03
O5 4JA B 6 0.57 -0.75 -0.43
C1 4JA B 6 1.26 0.53 -0.31
C2 4JA B 6 2.64 0.32 -0.93
C3 4JA B 6 2.48 0.01 -2.42
C4 4JA B 6 1.53 -1.17 -2.65
C5 4JA B 6 0.24 -1.00 -1.83
C6 4JA B 6 -0.71 -2.19 -1.89
OP1 4JA B 6 -3.13 2.29 5.67
OP2 4JA B 6 -4.43 1.27 3.72
O5' 4JA B 6 -2.06 2.12 3.39
C5' 4JA B 6 -2.19 1.97 1.99
C3' 4JA B 6 -0.84 2.14 1.27
C2' 4JA B 6 0.11 1.03 1.76
O1 4JA B 6 1.37 0.95 1.08
O3' 4JA B 6 -0.26 3.41 1.50
HO2 4JA B 6 3.31 1.84 0.16
HO3 4JA B 6 4.39 0.38 -2.63
HO4 4JA B 6 1.89 -1.59 -4.59
H1 4JA B 6 0.72 1.30 -0.87
H2 4JA B 6 3.15 -0.51 -0.42
H3 4JA B 6 2.10 0.89 -2.92
H4 4JA B 6 2.04 -2.10 -2.36
H5 4JA B 6 -0.29 -0.11 -2.17
H61 4JA B 6 -1.21 -2.22 -2.87
H62 4JA B 6 -1.46 -2.12 -1.11
H63 4JA B 6 -0.14 -3.13 -1.77
H5'' 4JA B 6 -2.92 2.68 1.61
H5' 4JA B 6 -2.56 0.97 1.76
H3' 4JA B 6 -1.01 2.01 0.20
H2'' 4JA B 6 -0.40 0.06 1.68
H2' 4JA B 6 0.32 1.18 2.81
P 4JA B 6 -3.19 1.54 4.75
O2 4JA B 6 3.19 1.51 -0.37
O3 4JA B 6 3.71 -0.61 -2.35
O4 4JA B 6 1.05 -1.11 -3.74
O5 4JA B 6 0.31 -0.79 -0.17
C1 4JA B 6 1.01 0.48 0.01
C2 4JA B 6 2.44 0.28 -0.52
C3 4JA B 6 2.40 -0.11 -2.00
C4 4JA B 6 1.36 -1.20 -2.33
C5 4JA B 6 0.03 -1.03 -1.58
C6 4JA B 6 -0.90 -2.23 -1.69
OP1 4JA B 6 -3.06 2.32 6.00
OP2 4JA B 6 -4.52 1.30 4.15
O5' 4JA B 6 -2.22 2.18 3.64
C5' 4JA B 6 -2.43 1.99 2.26
C3' 4JA B 6 -1.10 2.08 1.50
C2' 4JA B 6 -0.20 0.95 2.03
O1 4JA B 6 1.08 0.85 1.42
O3' 4JA B 6 -0.46 3.35 1.68
HO2 4JA B 6 3.43 1.60 0.56
HO3 4JA B 6 3.82 -0.58 -3.30
HO4 4JA B 6 1.56 -1.75 -4.29
H1 4JA B 6 0.51 1.27 -0.55
H2 4JA B 6 2.92 -0.50 0.06
H3 4JA B 6 2.19 0.78 -2.57
H4 4JA B 6 1.77 -2.18 -2.11
H5 4JA B 6 -0.49 -0.14 -1.93
H61 4JA B 6 -0.46 -3.00 -2.33
H62 4JA B 6 -1.85 -1.94 -2.12
H63 4JA B 6 -1.09 -2.67 -0.72
H5'' 4JA B 6 -3.14 2.72 1.88
H5' 4JA B 6 -2.84 1.00 2.08
H3' 4JA B 6 -1.29 1.91 0.44
H2'' 4JA B 6 -0.73 0.00 1.92
H2' 4JA B 6 -0.01 1.10 3.08
P 4JA B 6 -3.28 1.22 4.65
O2 4JA B 6 3.27 1.43 -0.60
O3 4JA B 6 3.47 -0.52 -2.78
O4 4JA B 6 0.90 -1.41 -3.70
O5 4JA B 6 0.37 -0.80 -0.11
C1 4JA B 6 1.10 0.47 -0.03
C2 4JA B 6 2.47 0.24 -0.69
C3 4JA B 6 2.23 -0.11 -2.17
C4 4JA B 6 1.24 -1.27 -2.31
C5 4JA B 6 -0.03 -1.07 -1.49
C6 4JA B 6 -0.98 -2.25 -1.50
OP1 4JA B 6 -3.18 1.92 5.95
OP2 4JA B 6 -4.60 1.07 4.00
O5' 4JA B 6 -2.24 1.88 3.62
C5' 4JA B 6 -2.37 1.70 2.23
C3' 4JA B 6 -1.02 1.95 1.52
C2' 4JA B 6 0.02 0.95 2.07
O1 4JA B 6 1.26 0.89 1.36
O3' 4JA B 6 -0.56 3.28 1.72
HO2 4JA B 6 3.28 1.71 0.33
HO3 4JA B 6 4.19 -0.40 -2.16
HO4 4JA B 6 1.72 -1.40 -4.22
H1 4JA B 6 0.56 1.25 -0.56
H2 4JA B 6 2.99 -0.57 -0.18
H3 4JA B 6 1.85 0.76 -2.69
H4 4JA B 6 1.73 -2.19 -1.98
H5 4JA B 6 -0.55 -0.17 -1.83
H61 4JA B 6 -1.58 -2.27 -0.59
H62 4JA B 6 -0.43 -3.18 -1.59
H63 4JA B 6 -1.66 -2.17 -2.36
H5'' 4JA B 6 -3.14 2.36 1.83
H5' 4JA B 6 -2.66 0.67 2.01
H3' 4JA B 6 -1.16 1.77 0.45
H2'' 4JA B 6 -0.43 -0.04 2.08
H2' 4JA B 6 0.24 1.22 3.09
P 4JA B 6 -3.02 1.60 4.47
O2 4JA B 6 3.47 1.17 -0.79
O3 4JA B 6 3.62 -0.83 -2.90
O4 4JA B 6 0.97 -1.51 -3.91
O5 4JA B 6 0.41 -0.84 -0.34
C1 4JA B 6 1.22 0.38 -0.27
C2 4JA B 6 2.59 0.03 -0.88
C3 4JA B 6 2.38 -0.35 -2.35
C4 4JA B 6 1.32 -1.43 -2.52
C5 4JA B 6 0.04 -1.11 -1.73
C6 4JA B 6 -1.01 -2.22 -1.74
OP1 4JA B 6 -2.88 2.37 5.72
OP2 4JA B 6 -4.35 1.44 3.84
O5' 4JA B 6 -1.98 2.18 3.38
C5' 4JA B 6 -2.15 1.97 1.99
C3' 4JA B 6 -0.81 2.10 1.24
C2' 4JA B 6 0.14 1.02 1.80
O1 4JA B 6 1.38 0.85 1.11
O3' 4JA B 6 -0.25 3.40 1.41
HO2 4JA B 6 3.44 1.49 0.12
HO3 4JA B 6 4.29 -0.15 -2.77
HO4 4JA B 6 1.79 -1.66 -4.44
H1 4JA B 6 0.75 1.17 -0.85
H2 4JA B 6 3.03 -0.80 -0.33
H3 4JA B 6 2.08 0.54 -2.91
H4 4JA B 6 1.71 -2.40 -2.20
H5 4JA B 6 -0.40 -0.19 -2.09
H61 4JA B 6 -1.85 -1.92 -2.37
H62 4JA B 6 -1.38 -2.41 -0.75
H63 4JA B 6 -0.60 -3.14 -2.15
H5'' 4JA B 6 -2.88 2.68 1.61
H5' 4JA B 6 -2.54 0.97 1.82
H3' 4JA B 6 -0.99 1.91 0.18
H2'' 4JA B 6 -0.38 0.06 1.81
H2' 4JA B 6 0.39 1.26 2.82
P 4JA B 6 -3.69 0.69 4.67
O2 4JA B 6 2.88 0.98 -0.14
O3 4JA B 6 3.36 -1.21 -2.14
O4 4JA B 6 0.72 -1.59 -3.59
O5 4JA B 6 -0.09 -1.18 -0.02
C1 4JA B 6 0.67 0.06 0.15
C2 4JA B 6 2.09 -0.22 -0.33
C3 4JA B 6 2.08 -0.62 -1.81
C4 4JA B 6 0.97 -1.64 -2.16
C5 4JA B 6 -0.37 -1.38 -1.44
C6 4JA B 6 -1.37 -2.51 -1.55
OP1 4JA B 6 -3.54 1.24 6.04
OP2 4JA B 6 -5.03 0.50 4.10
O5' 4JA B 6 -2.78 1.55 3.66
C5' 4JA B 6 -2.90 1.43 2.26
C3' 4JA B 6 -1.53 1.63 1.56
C2' 4JA B 6 -0.57 0.59 2.17
O1 4JA B 6 0.71 0.48 1.55
O3' 4JA B 6 -1.04 2.95 1.74
HO2 4JA B 6 2.76 1.25 0.79
HO3 4JA B 6 3.53 -1.16 -3.08
HO4 4JA B 6 1.52 -1.74 -4.10
H1 4JA B 6 0.22 0.86 -0.43
H2 4JA B 6 2.51 -1.03 0.27
H3 4JA B 6 1.94 0.28 -2.40
H4 4JA B 6 1.31 -2.64 -1.91
H5 4JA B 6 -0.83 -0.46 -1.78
H61 4JA B 6 -1.97 -2.40 -2.46
H62 4JA B 6 -2.05 -2.52 -0.70
H63 4JA B 6 -0.86 -3.47 -1.61
H5'' 4JA B 6 -3.63 2.16 1.89
H5' 4JA B 6 -3.26 0.44 2.01
H3' 4JA B 6 -1.66 1.42 0.49
H2'' 4JA B 6 -1.04 -0.39 2.17
H2' 4JA B 6 -0.38 0.86 3.19
#